data_5VFJ
#
_entry.id   5VFJ
#
_cell.length_a   45.574
_cell.length_b   59.060
_cell.length_c   58.460
_cell.angle_alpha   90.00
_cell.angle_beta   95.78
_cell.angle_gamma   90.00
#
_symmetry.space_group_name_H-M   'P 1 21 1'
#
loop_
_entity.id
_entity.type
_entity.pdbx_description
1 polymer 'Basic phospholipase A2 homolog BnSP-7'
2 non-polymer 'SULFATE ION'
3 non-polymer 'CAFFEIC ACID'
4 water water
#
_entity_poly.entity_id   1
_entity_poly.type   'polypeptide(L)'
_entity_poly.pdbx_seq_one_letter_code
;SLFELGKMILQETGKNPAKSYGAYGCNCGVLGRGQPKDATDRCCYVHKCCYKKLTGCDPKKDRYSYSWKDKTIVCGENNP
CLKELCECDKAVAICLRENLGTYNKKYRYHLKPFCKKADPC
;
_entity_poly.pdbx_strand_id   A,B
#
loop_
_chem_comp.id
_chem_comp.type
_chem_comp.name
_chem_comp.formula
DHC non-polymer 'CAFFEIC ACID' 'C9 H8 O4'
SO4 non-polymer 'SULFATE ION' 'O4 S -2'
#
# COMPACT_ATOMS: atom_id res chain seq x y z
N SER A 1 16.96 -1.29 2.27
CA SER A 1 15.79 -0.44 2.09
C SER A 1 14.82 -1.09 1.14
N LEU A 2 13.75 -0.37 0.79
CA LEU A 2 12.75 -0.88 -0.15
C LEU A 2 13.35 -1.12 -1.53
N PHE A 3 14.40 -0.37 -1.87
CA PHE A 3 15.02 -0.50 -3.18
C PHE A 3 15.70 -1.86 -3.36
N GLU A 4 16.54 -2.23 -2.41
CA GLU A 4 17.23 -3.52 -2.46
C GLU A 4 16.23 -4.67 -2.35
N LEU A 5 15.26 -4.53 -1.44
CA LEU A 5 14.23 -5.56 -1.26
C LEU A 5 13.45 -5.82 -2.54
N GLY A 6 13.01 -4.74 -3.20
CA GLY A 6 12.25 -4.86 -4.42
C GLY A 6 13.07 -5.50 -5.53
N LYS A 7 14.36 -5.18 -5.55
CA LYS A 7 15.27 -5.72 -6.55
C LYS A 7 15.50 -7.23 -6.32
N MET A 8 15.67 -7.62 -5.07
CA MET A 8 15.82 -9.03 -4.72
C MET A 8 14.61 -9.84 -5.19
N ILE A 9 13.41 -9.34 -4.87
CA ILE A 9 12.17 -10.00 -5.26
C ILE A 9 12.08 -10.13 -6.77
N LEU A 10 12.44 -9.07 -7.49
CA LEU A 10 12.47 -9.11 -8.95
C LEU A 10 13.48 -10.14 -9.45
N GLN A 11 14.65 -10.17 -8.82
CA GLN A 11 15.70 -11.08 -9.26
C GLN A 11 15.30 -12.54 -9.09
N GLU A 12 14.57 -12.83 -8.02
CA GLU A 12 14.15 -14.21 -7.75
C GLU A 12 12.90 -14.62 -8.53
N THR A 13 11.87 -13.77 -8.59
CA THR A 13 10.51 -14.27 -8.94
C THR A 13 10.17 -14.60 -10.43
N GLY A 14 10.55 -13.82 -11.44
CA GLY A 14 10.97 -12.45 -11.37
C GLY A 14 9.81 -11.60 -11.84
N LYS A 15 9.00 -11.17 -10.87
CA LYS A 15 7.83 -10.38 -11.14
C LYS A 15 8.07 -8.96 -10.65
N ASN A 16 7.27 -8.02 -11.15
CA ASN A 16 7.24 -6.67 -10.61
C ASN A 16 6.96 -6.76 -9.12
N PRO A 17 7.96 -6.37 -8.30
CA PRO A 17 7.89 -6.51 -6.85
C PRO A 17 6.78 -5.68 -6.22
N ALA A 18 6.79 -4.38 -6.50
CA ALA A 18 5.76 -3.48 -5.97
C ALA A 18 4.37 -3.92 -6.40
N LYS A 19 4.25 -4.35 -7.65
CA LYS A 19 2.97 -4.70 -8.21
C LYS A 19 2.38 -6.02 -7.68
N SER A 20 3.24 -7.01 -7.44
CA SER A 20 2.77 -8.31 -6.97
C SER A 20 2.76 -8.40 -5.44
N TYR A 21 3.68 -7.70 -4.80
CA TYR A 21 3.91 -7.91 -3.38
C TYR A 21 3.84 -6.64 -2.54
N GLY A 22 3.53 -5.51 -3.18
CA GLY A 22 3.44 -4.25 -2.47
C GLY A 22 2.24 -4.16 -1.54
N ALA A 23 1.17 -4.87 -1.87
CA ALA A 23 -0.05 -4.82 -1.06
C ALA A 23 -0.68 -6.20 -0.90
N TYR A 24 0.11 -7.25 -1.08
CA TYR A 24 -0.41 -8.61 -1.07
C TYR A 24 -0.84 -9.05 0.33
N GLY A 25 -2.01 -9.67 0.42
CA GLY A 25 -2.50 -10.23 1.68
C GLY A 25 -2.48 -9.29 2.87
N CYS A 26 -2.31 -9.86 4.06
CA CYS A 26 -2.32 -9.09 5.30
C CYS A 26 -0.92 -8.72 5.78
N ASN A 27 0.11 -9.19 5.09
CA ASN A 27 1.48 -9.04 5.57
C ASN A 27 2.47 -8.46 4.58
N CYS A 28 2.20 -8.59 3.28
CA CYS A 28 3.16 -8.15 2.28
C CYS A 28 3.07 -6.66 1.99
N GLY A 29 4.22 -5.99 2.07
CA GLY A 29 4.32 -4.58 1.74
C GLY A 29 4.06 -3.64 2.91
N VAL A 30 3.20 -2.67 2.66
CA VAL A 30 2.92 -1.60 3.62
C VAL A 30 2.28 -2.10 4.91
N LEU A 31 2.32 -1.25 5.93
CA LEU A 31 1.73 -1.51 7.24
C LEU A 31 2.44 -2.66 7.97
N GLY A 32 1.81 -3.16 9.02
CA GLY A 32 2.39 -4.22 9.82
C GLY A 32 1.93 -5.61 9.41
N ARG A 33 1.60 -6.43 10.41
CA ARG A 33 1.23 -7.82 10.17
C ARG A 33 -0.24 -8.10 10.45
N GLY A 34 -0.76 -9.16 9.84
CA GLY A 34 -2.07 -9.67 10.15
C GLY A 34 -2.03 -11.18 10.06
N GLN A 35 -3.13 -11.84 10.39
CA GLN A 35 -3.19 -13.29 10.22
C GLN A 35 -3.01 -13.62 8.75
N PRO A 36 -2.01 -14.45 8.44
CA PRO A 36 -1.67 -14.73 7.04
C PRO A 36 -2.80 -15.38 6.25
N LYS A 37 -2.85 -15.09 4.96
CA LYS A 37 -3.92 -15.60 4.11
C LYS A 37 -3.46 -16.81 3.30
N ASP A 38 -2.17 -16.91 3.02
CA ASP A 38 -1.61 -18.10 2.38
C ASP A 38 -0.10 -18.18 2.61
N ALA A 39 0.56 -19.04 1.84
CA ALA A 39 2.01 -19.23 2.02
C ALA A 39 2.79 -17.98 1.62
N THR A 40 2.42 -17.36 0.50
CA THR A 40 3.07 -16.12 0.08
C THR A 40 2.97 -15.07 1.17
N ASP A 41 1.77 -14.86 1.69
CA ASP A 41 1.54 -13.92 2.76
C ASP A 41 2.39 -14.24 3.99
N ARG A 42 2.51 -15.52 4.31
CA ARG A 42 3.28 -15.94 5.49
C ARG A 42 4.76 -15.62 5.32
N CYS A 43 5.24 -15.62 4.07
CA CYS A 43 6.61 -15.19 3.79
C CYS A 43 6.85 -13.82 4.37
N CYS A 44 5.90 -12.91 4.12
CA CYS A 44 6.01 -11.53 4.59
C CYS A 44 5.77 -11.43 6.09
N TYR A 45 4.97 -12.36 6.63
CA TYR A 45 4.77 -12.46 8.09
C TYR A 45 6.12 -12.67 8.77
N VAL A 46 6.83 -13.72 8.35
CA VAL A 46 8.16 -14.02 8.86
C VAL A 46 9.11 -12.85 8.63
N HIS A 47 9.03 -12.31 7.41
CA HIS A 47 9.77 -11.14 6.97
C HIS A 47 9.71 -9.99 7.98
N LYS A 48 8.50 -9.63 8.39
CA LYS A 48 8.32 -8.52 9.34
C LYS A 48 8.68 -8.91 10.77
N CYS A 49 8.49 -10.17 11.14
CA CYS A 49 8.95 -10.65 12.43
C CYS A 49 10.47 -10.59 12.49
N CYS A 50 11.11 -10.81 11.34
CA CYS A 50 12.55 -10.74 11.23
C CYS A 50 13.04 -9.30 11.48
N TYR A 51 12.30 -8.34 10.94
CA TYR A 51 12.63 -6.92 11.10
C TYR A 51 12.63 -6.50 12.58
N LYS A 52 11.77 -7.12 13.39
CA LYS A 52 11.63 -6.72 14.78
C LYS A 52 12.90 -7.00 15.60
N LYS A 53 13.74 -7.91 15.10
CA LYS A 53 14.96 -8.27 15.82
C LYS A 53 16.15 -7.38 15.45
N LEU A 54 15.93 -6.43 14.54
CA LEU A 54 16.99 -5.52 14.14
C LEU A 54 17.31 -4.54 15.28
N THR A 55 18.51 -4.00 15.29
CA THR A 55 18.94 -3.17 16.41
C THR A 55 19.39 -1.76 15.99
N GLY A 56 18.50 -1.01 15.36
CA GLY A 56 18.77 0.40 15.13
C GLY A 56 18.80 0.90 13.70
N CYS A 57 18.71 0.01 12.73
CA CYS A 57 18.67 0.44 11.33
C CYS A 57 17.23 0.49 10.82
N ASP A 58 17.04 1.21 9.72
CA ASP A 58 15.71 1.43 9.14
C ASP A 58 15.48 0.49 7.96
N PRO A 59 14.62 -0.53 8.14
CA PRO A 59 14.35 -1.53 7.11
C PRO A 59 13.81 -0.92 5.81
N LYS A 60 13.13 0.21 5.92
CA LYS A 60 12.50 0.84 4.77
C LYS A 60 13.44 1.76 4.00
N LYS A 61 14.33 2.44 4.70
CA LYS A 61 15.10 3.50 4.05
C LYS A 61 16.62 3.35 4.08
N ASP A 62 17.12 2.44 4.91
CA ASP A 62 18.57 2.26 4.96
C ASP A 62 19.05 1.41 3.79
N ARG A 63 19.93 2.00 2.98
CA ARG A 63 20.53 1.27 1.88
C ARG A 63 21.57 0.29 2.42
N TYR A 64 21.84 -0.77 1.67
CA TYR A 64 22.90 -1.70 2.02
C TYR A 64 23.46 -2.34 0.75
N SER A 65 24.63 -2.96 0.87
CA SER A 65 25.27 -3.60 -0.27
C SER A 65 24.96 -5.11 -0.34
N TYR A 66 24.67 -5.58 -1.54
CA TYR A 66 24.54 -7.00 -1.81
C TYR A 66 24.79 -7.22 -3.29
N SER A 67 25.05 -8.46 -3.68
CA SER A 67 25.24 -8.77 -5.08
C SER A 67 24.44 -9.97 -5.55
N TRP A 68 24.26 -10.05 -6.86
CA TRP A 68 23.54 -11.14 -7.51
C TRP A 68 24.57 -12.03 -8.20
N LYS A 69 25.07 -13.01 -7.46
CA LYS A 69 26.17 -13.86 -7.94
C LYS A 69 25.71 -15.27 -8.24
N ASP A 70 25.91 -15.71 -9.48
CA ASP A 70 25.45 -17.01 -9.95
C ASP A 70 24.00 -17.24 -9.54
N LYS A 71 23.18 -16.22 -9.77
CA LYS A 71 21.75 -16.26 -9.48
C LYS A 71 21.50 -16.63 -8.03
N THR A 72 22.32 -16.05 -7.16
CA THR A 72 22.18 -16.19 -5.73
C THR A 72 22.35 -14.82 -5.10
N ILE A 73 21.45 -14.47 -4.20
CA ILE A 73 21.57 -13.22 -3.46
C ILE A 73 22.67 -13.39 -2.41
N VAL A 74 23.68 -12.52 -2.47
CA VAL A 74 24.79 -12.57 -1.53
C VAL A 74 24.93 -11.24 -0.80
N CYS A 75 24.62 -11.24 0.49
CA CYS A 75 24.67 -10.03 1.28
C CYS A 75 26.10 -9.57 1.52
N GLY A 76 26.35 -8.28 1.28
CA GLY A 76 27.63 -7.70 1.55
C GLY A 76 27.88 -7.60 3.04
N GLU A 77 29.11 -7.32 3.43
CA GLU A 77 29.47 -7.24 4.83
C GLU A 77 28.65 -6.17 5.56
N ASN A 78 28.68 -4.95 5.05
CA ASN A 78 28.01 -3.81 5.66
C ASN A 78 28.35 -3.69 7.15
N ASN A 79 27.37 -3.30 7.96
CA ASN A 79 27.50 -3.38 9.41
C ASN A 79 26.53 -4.45 9.90
N PRO A 80 26.70 -4.94 11.15
CA PRO A 80 25.86 -6.03 11.65
C PRO A 80 24.36 -5.86 11.41
N CYS A 81 23.81 -4.69 11.72
CA CYS A 81 22.37 -4.49 11.55
C CYS A 81 21.95 -4.54 10.09
N LEU A 82 22.70 -3.86 9.23
CA LEU A 82 22.40 -3.86 7.81
C LEU A 82 22.51 -5.26 7.22
N LYS A 83 23.46 -6.05 7.71
CA LYS A 83 23.61 -7.43 7.21
C LYS A 83 22.42 -8.28 7.62
N GLU A 84 21.98 -8.15 8.88
CA GLU A 84 20.79 -8.84 9.36
C GLU A 84 19.60 -8.45 8.49
N LEU A 85 19.47 -7.14 8.27
CA LEU A 85 18.42 -6.60 7.43
C LEU A 85 18.49 -7.22 6.03
N CYS A 86 19.70 -7.27 5.48
CA CYS A 86 19.89 -7.83 4.14
C CYS A 86 19.43 -9.30 4.11
N GLU A 87 19.80 -10.06 5.15
CA GLU A 87 19.39 -11.47 5.25
C GLU A 87 17.89 -11.62 5.42
N CYS A 88 17.25 -10.67 6.12
CA CYS A 88 15.79 -10.66 6.21
C CYS A 88 15.16 -10.55 4.83
N ASP A 89 15.70 -9.65 4.01
CA ASP A 89 15.13 -9.39 2.69
C ASP A 89 15.42 -10.53 1.71
N LYS A 90 16.64 -11.07 1.79
CA LYS A 90 16.99 -12.23 0.99
C LYS A 90 16.04 -13.38 1.29
N ALA A 91 15.79 -13.59 2.58
CA ALA A 91 14.91 -14.67 3.01
C ALA A 91 13.49 -14.53 2.44
N VAL A 92 12.94 -13.32 2.46
CA VAL A 92 11.57 -13.16 1.99
C VAL A 92 11.51 -13.31 0.46
N ALA A 93 12.53 -12.79 -0.23
CA ALA A 93 12.59 -12.90 -1.69
C ALA A 93 12.57 -14.36 -2.15
N ILE A 94 13.44 -15.17 -1.56
CA ILE A 94 13.49 -16.61 -1.86
C ILE A 94 12.15 -17.26 -1.58
N CYS A 95 11.58 -16.96 -0.42
CA CYS A 95 10.30 -17.52 0.00
C CYS A 95 9.16 -17.15 -0.94
N LEU A 96 9.16 -15.91 -1.41
CA LEU A 96 8.13 -15.45 -2.34
C LEU A 96 8.22 -16.23 -3.64
N ARG A 97 9.45 -16.45 -4.11
CA ARG A 97 9.67 -17.20 -5.33
C ARG A 97 9.28 -18.67 -5.13
N GLU A 98 9.59 -19.20 -3.96
CA GLU A 98 9.28 -20.61 -3.64
C GLU A 98 7.79 -20.88 -3.68
N ASN A 99 6.99 -19.85 -3.40
CA ASN A 99 5.54 -20.05 -3.27
C ASN A 99 4.73 -19.38 -4.38
N LEU A 100 5.37 -19.15 -5.52
CA LEU A 100 4.70 -18.62 -6.70
C LEU A 100 3.56 -19.53 -7.15
N GLY A 101 3.74 -20.83 -6.92
CA GLY A 101 2.77 -21.82 -7.34
C GLY A 101 1.38 -21.61 -6.76
N THR A 102 1.32 -21.01 -5.58
CA THR A 102 0.03 -20.74 -4.94
C THR A 102 -0.23 -19.23 -4.81
N TYR A 103 0.48 -18.42 -5.60
CA TYR A 103 0.20 -17.00 -5.63
C TYR A 103 -1.23 -16.78 -6.12
N ASN A 104 -2.01 -16.04 -5.33
CA ASN A 104 -3.41 -15.77 -5.64
C ASN A 104 -3.65 -14.27 -5.86
N LYS A 105 -4.02 -13.90 -7.09
CA LYS A 105 -4.22 -12.50 -7.47
C LYS A 105 -5.31 -11.82 -6.67
N LYS A 106 -6.22 -12.61 -6.10
CA LYS A 106 -7.33 -12.06 -5.32
C LYS A 106 -6.80 -11.33 -4.09
N TYR A 107 -5.60 -11.72 -3.65
CA TYR A 107 -4.97 -11.13 -2.48
C TYR A 107 -4.04 -9.99 -2.84
N ARG A 108 -3.79 -9.79 -4.13
CA ARG A 108 -2.78 -8.81 -4.57
C ARG A 108 -2.99 -7.41 -4.01
N TYR A 109 -4.23 -6.93 -4.05
CA TYR A 109 -4.55 -5.61 -3.52
C TYR A 109 -5.47 -5.71 -2.31
N HIS A 110 -5.09 -6.58 -1.38
CA HIS A 110 -5.92 -6.90 -0.22
C HIS A 110 -6.24 -5.66 0.63
N LEU A 111 -7.49 -5.57 1.05
CA LEU A 111 -7.89 -4.50 1.97
C LEU A 111 -7.41 -4.85 3.37
N LYS A 112 -6.23 -4.37 3.71
CA LYS A 112 -5.57 -4.75 4.96
C LYS A 112 -6.25 -4.32 6.28
N PRO A 113 -6.97 -3.17 6.30
CA PRO A 113 -7.58 -2.82 7.59
C PRO A 113 -8.59 -3.85 8.14
N PHE A 114 -9.09 -4.74 7.28
CA PHE A 114 -10.06 -5.73 7.71
C PHE A 114 -9.41 -7.08 8.02
N CYS A 115 -8.09 -7.10 8.10
CA CYS A 115 -7.36 -8.31 8.48
C CYS A 115 -7.49 -8.60 9.97
N LYS A 116 -7.47 -9.88 10.33
CA LYS A 116 -7.45 -10.27 11.73
C LYS A 116 -6.07 -10.04 12.33
N LYS A 117 -6.02 -9.72 13.61
CA LYS A 117 -4.76 -9.43 14.30
C LYS A 117 -3.82 -10.62 14.30
N ALA A 118 -2.53 -10.36 14.08
CA ALA A 118 -1.54 -11.42 14.01
C ALA A 118 -1.10 -11.90 15.39
N ASP A 119 -0.58 -13.11 15.45
CA ASP A 119 0.08 -13.61 16.65
C ASP A 119 1.33 -12.79 16.90
N PRO A 120 1.73 -12.67 18.18
CA PRO A 120 3.03 -12.06 18.46
C PRO A 120 4.15 -12.87 17.82
N CYS A 121 5.17 -12.20 17.31
CA CYS A 121 6.28 -12.90 16.66
C CYS A 121 6.99 -13.82 17.65
N SER B 1 -16.27 3.52 4.13
CA SER B 1 -15.12 2.62 4.27
C SER B 1 -14.39 2.49 2.95
N LEU B 2 -13.39 1.62 2.91
CA LEU B 2 -12.63 1.39 1.69
C LEU B 2 -13.48 0.75 0.60
N PHE B 3 -14.53 0.03 1.00
CA PHE B 3 -15.39 -0.62 0.01
C PHE B 3 -16.17 0.41 -0.80
N GLU B 4 -16.82 1.34 -0.11
CA GLU B 4 -17.57 2.41 -0.76
C GLU B 4 -16.66 3.33 -1.58
N LEU B 5 -15.50 3.68 -1.00
CA LEU B 5 -14.54 4.54 -1.68
C LEU B 5 -14.05 3.91 -2.98
N GLY B 6 -13.78 2.61 -2.96
CA GLY B 6 -13.31 1.92 -4.13
C GLY B 6 -14.35 1.80 -5.22
N LYS B 7 -15.60 1.57 -4.82
CA LYS B 7 -16.70 1.50 -5.77
C LYS B 7 -16.93 2.87 -6.42
N MET B 8 -16.83 3.93 -5.64
CA MET B 8 -16.97 5.30 -6.16
C MET B 8 -15.93 5.61 -7.23
N ILE B 9 -14.68 5.30 -6.92
CA ILE B 9 -13.56 5.54 -7.83
C ILE B 9 -13.74 4.74 -9.12
N LEU B 10 -14.18 3.49 -8.99
CA LEU B 10 -14.44 2.65 -10.15
C LEU B 10 -15.58 3.19 -11.00
N GLN B 11 -16.66 3.59 -10.35
CA GLN B 11 -17.82 4.13 -11.06
C GLN B 11 -17.46 5.40 -11.83
N GLU B 12 -16.69 6.28 -11.20
CA GLU B 12 -16.30 7.54 -11.83
C GLU B 12 -15.23 7.36 -12.89
N THR B 13 -14.11 6.73 -12.52
CA THR B 13 -12.95 6.60 -13.40
C THR B 13 -13.09 5.46 -14.40
N GLY B 14 -13.74 4.38 -14.00
CA GLY B 14 -13.82 3.20 -14.84
C GLY B 14 -12.60 2.32 -14.70
N LYS B 15 -11.73 2.67 -13.75
CA LYS B 15 -10.50 1.93 -13.51
C LYS B 15 -10.55 1.15 -12.20
N ASN B 16 -9.84 0.02 -12.18
CA ASN B 16 -9.58 -0.72 -10.94
C ASN B 16 -9.03 0.23 -9.89
N PRO B 17 -9.80 0.48 -8.83
CA PRO B 17 -9.42 1.48 -7.82
C PRO B 17 -8.12 1.11 -7.10
N ALA B 18 -8.05 -0.10 -6.55
CA ALA B 18 -6.89 -0.53 -5.78
C ALA B 18 -5.61 -0.48 -6.62
N LYS B 19 -5.71 -0.95 -7.87
CA LYS B 19 -4.56 -1.03 -8.76
C LYS B 19 -4.02 0.35 -9.18
N SER B 20 -4.91 1.30 -9.40
CA SER B 20 -4.50 2.63 -9.87
C SER B 20 -4.21 3.62 -8.74
N TYR B 21 -4.92 3.47 -7.63
CA TYR B 21 -4.90 4.51 -6.60
C TYR B 21 -4.59 4.00 -5.20
N GLY B 22 -4.34 2.70 -5.08
CA GLY B 22 -4.06 2.09 -3.80
C GLY B 22 -2.68 2.46 -3.26
N ALA B 23 -1.77 2.85 -4.15
CA ALA B 23 -0.42 3.21 -3.74
C ALA B 23 0.13 4.34 -4.61
N TYR B 24 -0.75 5.16 -5.16
CA TYR B 24 -0.32 6.21 -6.07
C TYR B 24 0.32 7.37 -5.33
N GLY B 25 1.45 7.86 -5.85
CA GLY B 25 2.08 9.07 -5.36
C GLY B 25 2.36 9.08 -3.87
N CYS B 26 2.38 10.27 -3.28
CA CYS B 26 2.68 10.41 -1.86
C CYS B 26 1.43 10.47 -0.99
N ASN B 27 0.25 10.44 -1.61
CA ASN B 27 -0.99 10.68 -0.89
C ASN B 27 -2.11 9.68 -1.12
N CYS B 28 -2.10 8.99 -2.25
CA CYS B 28 -3.21 8.10 -2.58
C CYS B 28 -3.11 6.74 -1.91
N GLY B 29 -4.20 6.35 -1.26
CA GLY B 29 -4.32 5.03 -0.69
C GLY B 29 -3.77 4.90 0.72
N VAL B 30 -2.89 3.94 0.91
CA VAL B 30 -2.34 3.59 2.21
C VAL B 30 -1.53 4.73 2.84
N LEU B 31 -1.44 4.70 4.16
CA LEU B 31 -0.64 5.64 4.94
C LEU B 31 -1.20 7.06 4.88
N GLY B 32 -0.38 8.04 5.25
CA GLY B 32 -0.82 9.41 5.35
C GLY B 32 -0.55 10.27 4.13
N ARG B 33 -0.12 11.49 4.38
CA ARG B 33 0.12 12.46 3.32
C ARG B 33 1.59 12.75 3.11
N GLY B 34 1.92 13.21 1.91
CA GLY B 34 3.24 13.76 1.60
C GLY B 34 3.03 14.88 0.61
N GLN B 35 4.11 15.56 0.21
CA GLN B 35 4.00 16.58 -0.83
C GLN B 35 3.50 15.93 -2.10
N PRO B 36 2.43 16.48 -2.70
CA PRO B 36 1.82 15.82 -3.87
C PRO B 36 2.78 15.72 -5.05
N LYS B 37 2.66 14.65 -5.82
CA LYS B 37 3.50 14.48 -7.00
C LYS B 37 2.88 15.13 -8.23
N ASP B 38 1.56 15.16 -8.28
CA ASP B 38 0.85 15.71 -9.44
C ASP B 38 -0.60 15.99 -9.05
N ALA B 39 -1.44 16.28 -10.05
CA ALA B 39 -2.84 16.59 -9.77
C ALA B 39 -3.58 15.39 -9.15
N THR B 40 -3.33 14.19 -9.70
CA THR B 40 -3.98 13.00 -9.19
C THR B 40 -3.63 12.81 -7.71
N ASP B 41 -2.36 12.98 -7.39
CA ASP B 41 -1.89 12.85 -6.03
C ASP B 41 -2.56 13.88 -5.12
N ARG B 42 -2.65 15.11 -5.60
CA ARG B 42 -3.23 16.21 -4.84
C ARG B 42 -4.70 15.96 -4.50
N CYS B 43 -5.42 15.29 -5.39
CA CYS B 43 -6.78 14.83 -5.10
C CYS B 43 -6.84 14.10 -3.77
N CYS B 44 -5.89 13.16 -3.59
CA CYS B 44 -5.85 12.33 -2.41
C CYS B 44 -5.35 13.12 -1.22
N TYR B 45 -4.57 14.14 -1.50
CA TYR B 45 -4.12 15.08 -0.48
C TYR B 45 -5.34 15.75 0.15
N VAL B 46 -6.16 16.39 -0.67
CA VAL B 46 -7.38 17.05 -0.20
C VAL B 46 -8.29 16.05 0.49
N HIS B 47 -8.34 14.86 -0.10
CA HIS B 47 -9.05 13.70 0.41
C HIS B 47 -8.70 13.41 1.88
N LYS B 48 -7.41 13.31 2.18
CA LYS B 48 -7.01 12.96 3.54
C LYS B 48 -7.11 14.15 4.50
N CYS B 49 -6.98 15.37 3.99
CA CYS B 49 -7.25 16.55 4.80
C CYS B 49 -8.74 16.59 5.14
N CYS B 50 -9.57 16.18 4.19
CA CYS B 50 -11.01 16.09 4.43
C CYS B 50 -11.33 15.07 5.53
N TYR B 51 -10.55 13.98 5.58
CA TYR B 51 -10.73 12.94 6.59
C TYR B 51 -10.41 13.45 8.00
N LYS B 52 -9.50 14.41 8.07
CA LYS B 52 -8.93 14.85 9.35
C LYS B 52 -10.00 15.29 10.34
N LYS B 53 -11.04 15.95 9.85
CA LYS B 53 -12.11 16.44 10.71
C LYS B 53 -13.05 15.33 11.19
N LEU B 54 -12.97 14.17 10.55
CA LEU B 54 -13.87 13.05 10.86
C LEU B 54 -13.39 12.23 12.05
N THR B 55 -13.20 12.89 13.19
CA THR B 55 -12.68 12.21 14.37
C THR B 55 -13.76 11.38 15.06
N GLY B 56 -15.00 11.51 14.57
CA GLY B 56 -16.13 10.81 15.15
C GLY B 56 -16.44 9.47 14.50
N CYS B 57 -15.75 9.16 13.41
CA CYS B 57 -15.95 7.88 12.74
C CYS B 57 -14.67 7.40 12.05
N ASP B 58 -14.74 6.21 11.45
CA ASP B 58 -13.57 5.56 10.87
C ASP B 58 -13.66 5.56 9.34
N PRO B 59 -12.91 6.45 8.69
CA PRO B 59 -12.90 6.58 7.22
C PRO B 59 -12.52 5.27 6.51
N LYS B 60 -11.74 4.42 7.16
CA LYS B 60 -11.28 3.17 6.54
C LYS B 60 -12.27 2.02 6.73
N LYS B 61 -12.94 1.97 7.88
CA LYS B 61 -13.72 0.78 8.25
C LYS B 61 -15.23 0.99 8.28
N ASP B 62 -15.68 2.20 8.55
CA ASP B 62 -17.12 2.44 8.71
C ASP B 62 -17.86 2.47 7.37
N ARG B 63 -18.85 1.61 7.25
CA ARG B 63 -19.69 1.57 6.05
C ARG B 63 -20.67 2.73 6.07
N TYR B 64 -21.16 3.13 4.89
CA TYR B 64 -22.22 4.11 4.78
C TYR B 64 -23.06 3.85 3.54
N SER B 65 -24.20 4.52 3.43
CA SER B 65 -25.09 4.32 2.31
C SER B 65 -24.93 5.40 1.24
N TYR B 66 -24.84 4.97 -0.01
CA TYR B 66 -24.88 5.88 -1.14
C TYR B 66 -25.39 5.15 -2.38
N SER B 67 -25.83 5.91 -3.37
CA SER B 67 -26.35 5.32 -4.58
C SER B 67 -25.72 5.94 -5.84
N TRP B 68 -25.81 5.19 -6.92
CA TRP B 68 -25.32 5.61 -8.23
C TRP B 68 -26.54 5.92 -9.09
N LYS B 69 -26.89 7.21 -9.12
CA LYS B 69 -28.12 7.65 -9.78
C LYS B 69 -27.81 8.65 -10.89
N ASP B 70 -28.27 8.34 -12.10
CA ASP B 70 -27.97 9.11 -13.31
C ASP B 70 -26.48 9.45 -13.36
N LYS B 71 -25.66 8.41 -13.23
CA LYS B 71 -24.21 8.51 -13.30
C LYS B 71 -23.69 9.61 -12.39
N THR B 72 -24.22 9.65 -11.18
CA THR B 72 -23.85 10.64 -10.19
C THR B 72 -23.80 9.96 -8.83
N ILE B 73 -22.73 10.19 -8.09
CA ILE B 73 -22.65 9.67 -6.73
C ILE B 73 -23.56 10.49 -5.83
N VAL B 74 -24.57 9.85 -5.25
CA VAL B 74 -25.50 10.53 -4.37
C VAL B 74 -25.41 9.97 -2.96
N CYS B 75 -24.88 10.76 -2.03
CA CYS B 75 -24.71 10.28 -0.66
C CYS B 75 -26.05 10.19 0.06
N GLY B 76 -26.36 9.00 0.57
CA GLY B 76 -27.60 8.78 1.27
C GLY B 76 -27.62 9.51 2.60
N GLU B 77 -28.76 9.46 3.28
CA GLU B 77 -28.88 10.05 4.60
C GLU B 77 -28.17 9.18 5.62
N ASN B 78 -27.25 9.78 6.37
CA ASN B 78 -26.56 9.08 7.45
C ASN B 78 -26.49 9.97 8.69
N ASN B 79 -25.56 9.67 9.58
CA ASN B 79 -25.25 10.60 10.65
C ASN B 79 -24.22 11.59 10.11
N PRO B 80 -24.05 12.76 10.78
CA PRO B 80 -23.12 13.80 10.35
C PRO B 80 -21.75 13.30 9.91
N CYS B 81 -21.14 12.43 10.71
CA CYS B 81 -19.79 11.97 10.43
C CYS B 81 -19.74 11.09 9.19
N LEU B 82 -20.68 10.15 9.07
CA LEU B 82 -20.73 9.28 7.90
C LEU B 82 -21.14 10.01 6.64
N LYS B 83 -21.98 11.04 6.80
CA LYS B 83 -22.40 11.83 5.66
C LYS B 83 -21.23 12.62 5.08
N GLU B 84 -20.45 13.22 5.97
CA GLU B 84 -19.28 13.99 5.55
C GLU B 84 -18.23 13.07 4.94
N LEU B 85 -18.09 11.89 5.54
CA LEU B 85 -17.18 10.88 5.04
C LEU B 85 -17.52 10.54 3.59
N CYS B 86 -18.81 10.29 3.35
CA CYS B 86 -19.29 9.97 2.02
C CYS B 86 -18.98 11.11 1.05
N GLU B 87 -19.14 12.35 1.50
CA GLU B 87 -18.84 13.50 0.66
C GLU B 87 -17.34 13.58 0.35
N CYS B 88 -16.50 13.34 1.36
CA CYS B 88 -15.05 13.27 1.16
C CYS B 88 -14.71 12.31 0.02
N ASP B 89 -15.27 11.11 0.10
CA ASP B 89 -15.01 10.05 -0.87
C ASP B 89 -15.55 10.40 -2.25
N LYS B 90 -16.76 10.95 -2.30
CA LYS B 90 -17.33 11.36 -3.57
C LYS B 90 -16.40 12.37 -4.24
N ALA B 91 -15.95 13.35 -3.47
CA ALA B 91 -15.11 14.42 -4.01
C ALA B 91 -13.80 13.86 -4.59
N VAL B 92 -13.16 12.92 -3.90
CA VAL B 92 -11.88 12.41 -4.39
C VAL B 92 -12.11 11.55 -5.63
N ALA B 93 -13.24 10.85 -5.70
CA ALA B 93 -13.53 10.01 -6.85
C ALA B 93 -13.70 10.87 -8.10
N ILE B 94 -14.48 11.93 -7.98
CA ILE B 94 -14.65 12.90 -9.06
C ILE B 94 -13.31 13.49 -9.46
N CYS B 95 -12.55 13.94 -8.47
CA CYS B 95 -11.24 14.55 -8.71
C CYS B 95 -10.26 13.59 -9.42
N LEU B 96 -10.29 12.32 -9.04
CA LEU B 96 -9.42 11.34 -9.69
C LEU B 96 -9.81 11.17 -11.16
N ARG B 97 -11.11 11.18 -11.44
CA ARG B 97 -11.58 11.05 -12.81
C ARG B 97 -11.22 12.28 -13.63
N GLU B 98 -11.41 13.46 -13.04
CA GLU B 98 -11.12 14.72 -13.72
C GLU B 98 -9.65 14.82 -14.13
N ASN B 99 -8.79 14.11 -13.43
CA ASN B 99 -7.36 14.23 -13.65
C ASN B 99 -6.70 13.02 -14.30
N LEU B 100 -7.50 12.15 -14.89
CA LEU B 100 -6.99 10.97 -15.60
C LEU B 100 -6.00 11.37 -16.69
N GLY B 101 -6.21 12.55 -17.26
CA GLY B 101 -5.40 13.03 -18.37
C GLY B 101 -3.92 13.17 -18.06
N THR B 102 -3.59 13.37 -16.78
CA THR B 102 -2.20 13.46 -16.37
C THR B 102 -1.82 12.33 -15.41
N TYR B 103 -2.60 11.26 -15.39
CA TYR B 103 -2.23 10.09 -14.60
C TYR B 103 -0.91 9.52 -15.11
N ASN B 104 0.05 9.32 -14.22
CA ASN B 104 1.37 8.81 -14.59
C ASN B 104 1.70 7.51 -13.86
N LYS B 105 1.81 6.41 -14.61
CA LYS B 105 1.98 5.09 -14.01
C LYS B 105 3.28 4.92 -13.22
N LYS B 106 4.21 5.84 -13.37
CA LYS B 106 5.46 5.75 -12.61
C LYS B 106 5.19 6.06 -11.13
N TYR B 107 4.04 6.64 -10.85
CA TYR B 107 3.62 6.96 -9.50
C TYR B 107 2.72 5.88 -8.89
N ARG B 108 2.25 4.99 -9.74
CA ARG B 108 1.27 3.97 -9.35
C ARG B 108 1.67 3.18 -8.10
N TYR B 109 2.91 2.71 -8.04
CA TYR B 109 3.40 2.01 -6.86
C TYR B 109 4.52 2.81 -6.21
N HIS B 110 4.29 4.10 -6.03
CA HIS B 110 5.30 5.00 -5.49
C HIS B 110 5.81 4.55 -4.12
N LEU B 111 7.12 4.64 -3.94
CA LEU B 111 7.71 4.30 -2.65
C LEU B 111 7.52 5.47 -1.69
N LYS B 112 6.47 5.37 -0.89
CA LYS B 112 6.04 6.48 -0.03
C LYS B 112 6.99 6.89 1.11
N PRO B 113 7.77 5.96 1.69
CA PRO B 113 8.67 6.42 2.76
C PRO B 113 9.66 7.52 2.34
N PHE B 114 9.93 7.65 1.04
CA PHE B 114 10.90 8.63 0.57
C PHE B 114 10.23 9.94 0.14
N CYS B 115 8.94 10.06 0.44
CA CYS B 115 8.20 11.27 0.14
C CYS B 115 8.53 12.38 1.14
N LYS B 116 8.60 13.61 0.65
CA LYS B 116 8.85 14.77 1.49
C LYS B 116 7.60 15.08 2.33
N LYS B 117 7.81 15.59 3.55
CA LYS B 117 6.71 15.89 4.46
C LYS B 117 5.71 16.88 3.87
N ALA B 118 4.42 16.64 4.13
CA ALA B 118 3.36 17.47 3.61
C ALA B 118 3.13 18.71 4.47
N ASP B 119 2.56 19.75 3.88
CA ASP B 119 2.16 20.92 4.65
C ASP B 119 1.02 20.51 5.58
N PRO B 120 0.83 21.25 6.69
CA PRO B 120 -0.36 21.05 7.51
C PRO B 120 -1.62 21.35 6.70
N CYS B 121 -2.68 20.57 6.88
CA CYS B 121 -3.92 20.78 6.15
C CYS B 121 -4.47 22.18 6.38
S SO4 C . 3.04 -5.76 13.88
O1 SO4 C . 4.05 -6.53 13.15
O2 SO4 C . 1.89 -5.51 13.02
O3 SO4 C . 2.62 -6.52 15.05
O4 SO4 C . 3.62 -4.49 14.29
S SO4 D . 4.96 -8.78 -14.21
O1 SO4 D . 5.09 -10.02 -14.95
O2 SO4 D . 4.40 -7.75 -15.07
O3 SO4 D . 4.08 -8.99 -13.06
O4 SO4 D . 6.28 -8.35 -13.73
C1 DHC E . -3.14 -5.91 -14.46
O1 DHC E . -4.20 -5.69 -15.06
C2 DHC E . -2.57 -7.28 -14.41
C3 DHC E . -1.25 -7.35 -14.32
C1' DHC E . -0.61 -8.69 -14.22
C2' DHC E . -1.29 -9.63 -13.44
C3' DHC E . -0.73 -10.87 -13.34
C4' DHC E . 0.44 -11.10 -13.98
C5' DHC E . 1.13 -10.19 -14.76
C6' DHC E . 0.60 -8.93 -14.89
O4' DHC E . 0.97 -12.36 -13.85
O3' DHC E . -1.35 -11.84 -12.58
O2 DHC E . -2.53 -5.02 -13.87
S SO4 F . -7.97 -1.31 -15.13
O1 SO4 F . -7.53 -2.64 -14.71
O2 SO4 F . -8.09 -1.27 -16.58
O3 SO4 F . -9.26 -1.01 -14.53
O4 SO4 F . -6.99 -0.31 -14.70
S SO4 G . -3.15 0.23 -17.43
O1 SO4 G . -4.05 -0.42 -18.38
O2 SO4 G . -2.29 1.17 -18.15
O3 SO4 G . -2.32 -0.78 -16.77
O4 SO4 G . -3.93 0.96 -16.44
S SO4 H . -0.73 13.08 7.75
O1 SO4 H . 0.17 12.43 6.81
O2 SO4 H . -1.87 13.65 7.02
O3 SO4 H . -1.22 12.10 8.72
O4 SO4 H . -0.02 14.15 8.45
#